data_2MFT
#
_entry.id   2MFT
#
_entity_poly.entity_id   1
_entity_poly.type   'polydeoxyribonucleotide'
_entity_poly.pdbx_seq_one_letter_code
;(DG)(DG)(DG)(DT)(DT)(DT)(DT)(DG)(DG)(DG)(DT)(DG)(DG)(DG)(DT)(DT)(DT)(DT)(DG)(DG)
(DG)
;
_entity_poly.pdbx_strand_id   A
#